data_2GAN
#
_entry.id   2GAN
#
_cell.length_a   128.706
_cell.length_b   76.660
_cell.length_c   45.005
_cell.angle_alpha   90.00
_cell.angle_beta   100.32
_cell.angle_gamma   90.00
#
_symmetry.space_group_name_H-M   'C 1 2 1'
#
loop_
_entity.id
_entity.type
_entity.pdbx_description
1 polymer '182aa long hypothetical protein'
2 non-polymer 'SULFATE ION'
3 non-polymer 1,2-ETHANEDIOL
4 water water
#
_entity_poly.entity_id   1
_entity_poly.type   'polypeptide(L)'
_entity_poly.pdbx_seq_one_letter_code
;(MSE)EGVKKIKNPSTVKDELLEL(MSE)FRIYRSTNGKYPALEWVKRKPNPNDFNGFREVYEPFLKFRLSQEFDELYTY
QKDNRIIGTIALVYKRIKEKGIWWVPEEL(MSE)NEKVGLIEFFVVDPEFQGKGIGSTLLEFAVKRLRSLGKDPYVVTFP
NLEAYSYYY(MSE)KKGFREI(MSE)RYKEFVILKFNHKKFQLEHHHHHH
;
_entity_poly.pdbx_strand_id   A,B
#
# COMPACT_ATOMS: atom_id res chain seq x y z
N GLU A 2 29.45 1.41 5.97
CA GLU A 2 28.07 1.86 6.01
C GLU A 2 27.66 2.18 7.44
N GLY A 3 26.45 2.70 7.61
CA GLY A 3 25.97 3.03 8.93
C GLY A 3 25.11 4.28 8.95
N VAL A 4 24.54 4.56 10.12
CA VAL A 4 23.69 5.74 10.31
C VAL A 4 24.56 6.97 10.41
N LYS A 5 24.16 8.04 9.77
CA LYS A 5 24.98 9.24 9.85
C LYS A 5 24.07 10.46 9.92
N LYS A 6 24.34 11.32 10.91
CA LYS A 6 23.55 12.52 11.09
C LYS A 6 24.01 13.57 10.10
N ILE A 7 23.08 14.36 9.58
CA ILE A 7 23.44 15.42 8.65
C ILE A 7 23.42 16.75 9.41
N LYS A 8 24.60 17.33 9.60
CA LYS A 8 24.73 18.61 10.33
C LYS A 8 23.83 19.70 9.74
N ASN A 9 23.88 19.87 8.43
CA ASN A 9 23.08 20.89 7.77
C ASN A 9 22.25 20.25 6.66
N PRO A 10 21.10 19.68 7.03
CA PRO A 10 20.18 19.01 6.10
C PRO A 10 20.07 19.62 4.71
N SER A 11 20.16 20.95 4.61
CA SER A 11 20.02 21.58 3.30
C SER A 11 21.16 21.24 2.32
N THR A 12 22.32 20.86 2.85
CA THR A 12 23.47 20.55 1.99
C THR A 12 23.38 19.24 1.20
N VAL A 13 22.34 18.45 1.42
CA VAL A 13 22.20 17.20 0.68
C VAL A 13 20.90 17.17 -0.12
N LYS A 14 20.33 18.34 -0.36
CA LYS A 14 19.08 18.45 -1.10
C LYS A 14 19.11 17.77 -2.46
N ASP A 15 20.17 18.01 -3.24
CA ASP A 15 20.29 17.42 -4.56
C ASP A 15 20.31 15.90 -4.53
N GLU A 16 21.12 15.35 -3.63
CA GLU A 16 21.21 13.90 -3.50
C GLU A 16 19.87 13.32 -3.06
N LEU A 17 19.21 14.01 -2.12
CA LEU A 17 17.91 13.57 -1.62
C LEU A 17 16.83 13.68 -2.72
N LEU A 18 16.83 14.78 -3.45
CA LEU A 18 15.87 14.97 -4.52
C LEU A 18 15.84 13.78 -5.48
N GLU A 19 17.03 13.36 -5.91
CA GLU A 19 17.18 12.24 -6.84
C GLU A 19 16.75 10.91 -6.20
N LEU A 20 17.00 10.77 -4.90
CA LEU A 20 16.60 9.55 -4.20
C LEU A 20 15.06 9.52 -4.16
N PHE A 22 13.03 10.84 -6.24
CA PHE A 22 12.50 10.62 -7.58
C PHE A 22 12.53 9.14 -7.94
N ARG A 23 13.63 8.49 -7.61
CA ARG A 23 13.75 7.07 -7.90
C ARG A 23 12.65 6.31 -7.16
N ILE A 24 12.31 6.80 -5.98
CA ILE A 24 11.24 6.16 -5.21
C ILE A 24 9.89 6.45 -5.86
N TYR A 25 9.72 7.69 -6.34
CA TYR A 25 8.50 8.10 -7.01
C TYR A 25 8.28 7.23 -8.24
N ARG A 26 9.37 6.90 -8.93
CA ARG A 26 9.27 6.07 -10.13
C ARG A 26 9.07 4.60 -9.76
N SER A 27 9.86 4.10 -8.81
CA SER A 27 9.72 2.69 -8.43
C SER A 27 8.33 2.38 -7.89
N THR A 28 7.71 3.33 -7.20
CA THR A 28 6.37 3.15 -6.63
C THR A 28 5.27 3.64 -7.58
N ASN A 29 5.65 4.00 -8.79
CA ASN A 29 4.70 4.50 -9.78
C ASN A 29 3.89 5.70 -9.29
N GLY A 30 4.59 6.71 -8.78
CA GLY A 30 3.93 7.92 -8.31
C GLY A 30 3.27 7.85 -6.95
N LYS A 31 3.46 6.74 -6.25
CA LYS A 31 2.85 6.56 -4.93
C LYS A 31 3.53 7.38 -3.85
N TYR A 32 4.85 7.28 -3.76
CA TYR A 32 5.61 7.99 -2.76
C TYR A 32 6.79 8.72 -3.39
N PRO A 33 7.21 9.85 -2.81
CA PRO A 33 6.66 10.45 -1.59
C PRO A 33 5.33 11.15 -1.87
N ALA A 34 4.54 11.38 -0.83
CA ALA A 34 3.23 12.03 -0.96
C ALA A 34 3.33 13.47 -1.49
N LEU A 35 2.39 13.84 -2.33
CA LEU A 35 2.35 15.19 -2.92
C LEU A 35 0.99 15.83 -2.65
N GLU A 36 0.68 16.03 -1.37
CA GLU A 36 -0.58 16.62 -0.94
C GLU A 36 -0.93 17.94 -1.63
N TRP A 37 0.07 18.83 -1.76
CA TRP A 37 -0.12 20.15 -2.38
C TRP A 37 0.02 20.17 -3.90
N VAL A 38 -0.23 19.04 -4.55
CA VAL A 38 -0.11 18.97 -6.00
C VAL A 38 -1.42 18.55 -6.66
N LYS A 39 -1.93 19.40 -7.53
CA LYS A 39 -3.18 19.13 -8.23
C LYS A 39 -2.99 17.96 -9.18
N ARG A 40 -2.25 18.21 -10.25
CA ARG A 40 -1.98 17.16 -11.23
C ARG A 40 -0.57 16.62 -10.99
N LYS A 41 -0.48 15.34 -10.64
CA LYS A 41 0.81 14.72 -10.37
C LYS A 41 1.51 14.31 -11.66
N PRO A 42 2.81 14.55 -11.75
CA PRO A 42 3.61 14.21 -12.95
C PRO A 42 3.83 12.72 -13.12
N ASN A 43 4.16 12.34 -14.34
CA ASN A 43 4.42 10.95 -14.67
C ASN A 43 5.57 10.47 -13.80
N PRO A 44 5.48 9.25 -13.27
CA PRO A 44 6.52 8.69 -12.41
C PRO A 44 7.91 8.62 -13.06
N ASN A 45 7.97 8.65 -14.38
CA ASN A 45 9.24 8.61 -15.07
C ASN A 45 9.71 10.01 -15.46
N ASP A 46 8.93 11.02 -15.11
CA ASP A 46 9.25 12.41 -15.44
C ASP A 46 9.95 13.12 -14.29
N PHE A 47 11.29 13.13 -14.33
CA PHE A 47 12.08 13.78 -13.29
C PHE A 47 11.85 15.29 -13.21
N ASN A 48 11.94 15.97 -14.36
CA ASN A 48 11.75 17.42 -14.38
C ASN A 48 10.41 17.81 -13.76
N GLY A 49 9.36 17.08 -14.11
CA GLY A 49 8.05 17.39 -13.55
C GLY A 49 8.02 17.13 -12.05
N PHE A 50 8.70 16.07 -11.61
CA PHE A 50 8.74 15.74 -10.21
C PHE A 50 9.44 16.83 -9.45
N ARG A 51 10.65 17.17 -9.89
CA ARG A 51 11.44 18.21 -9.23
C ARG A 51 10.69 19.53 -9.12
N GLU A 52 10.12 19.98 -10.22
CA GLU A 52 9.41 21.24 -10.26
C GLU A 52 8.31 21.34 -9.21
N VAL A 53 7.70 20.22 -8.88
CA VAL A 53 6.62 20.24 -7.92
C VAL A 53 6.97 19.72 -6.53
N TYR A 54 8.18 19.19 -6.37
CA TYR A 54 8.61 18.64 -5.07
C TYR A 54 9.80 19.38 -4.46
N GLU A 55 10.68 19.89 -5.31
CA GLU A 55 11.87 20.61 -4.87
C GLU A 55 11.53 21.70 -3.85
N PRO A 56 10.52 22.53 -4.13
CA PRO A 56 10.17 23.60 -3.18
C PRO A 56 9.78 23.04 -1.80
N PHE A 57 9.04 21.94 -1.78
CA PHE A 57 8.61 21.29 -0.55
C PHE A 57 9.83 20.80 0.25
N LEU A 58 10.73 20.09 -0.41
CA LEU A 58 11.94 19.58 0.22
C LEU A 58 12.83 20.71 0.75
N LYS A 59 13.01 21.74 -0.07
CA LYS A 59 13.85 22.86 0.35
C LYS A 59 13.35 23.39 1.70
N PHE A 60 12.04 23.61 1.79
CA PHE A 60 11.46 24.10 3.02
C PHE A 60 11.65 23.16 4.21
N ARG A 61 11.37 21.88 4.02
CA ARG A 61 11.50 20.93 5.13
C ARG A 61 12.92 20.82 5.65
N LEU A 62 13.88 20.78 4.72
CA LEU A 62 15.29 20.67 5.07
C LEU A 62 15.74 21.91 5.83
N SER A 63 15.21 23.08 5.47
CA SER A 63 15.59 24.33 6.12
C SER A 63 14.90 24.64 7.46
N GLN A 64 13.59 24.45 7.50
CA GLN A 64 12.82 24.77 8.70
C GLN A 64 12.21 23.58 9.45
N GLU A 65 11.34 22.84 8.79
CA GLU A 65 10.64 21.72 9.41
C GLU A 65 11.48 20.70 10.16
N PHE A 66 12.45 20.08 9.50
CA PHE A 66 13.28 19.06 10.15
C PHE A 66 14.18 19.60 11.27
N ASP A 67 14.13 18.99 12.45
CA ASP A 67 14.97 19.42 13.57
C ASP A 67 16.25 18.56 13.57
N GLU A 68 16.13 17.34 13.06
CA GLU A 68 17.25 16.42 12.93
C GLU A 68 16.99 15.50 11.74
N LEU A 69 18.00 15.37 10.88
CA LEU A 69 17.90 14.52 9.70
C LEU A 69 18.95 13.43 9.79
N TYR A 70 18.51 12.18 9.67
CA TYR A 70 19.42 11.06 9.72
C TYR A 70 19.37 10.31 8.41
N THR A 71 20.49 9.73 8.02
CA THR A 71 20.53 8.99 6.77
C THR A 71 21.36 7.75 6.98
N TYR A 72 21.10 6.75 6.15
CA TYR A 72 21.90 5.54 6.22
C TYR A 72 22.76 5.69 4.99
N GLN A 73 24.07 5.67 5.18
CA GLN A 73 24.98 5.82 4.07
C GLN A 73 25.87 4.60 3.93
N LYS A 74 26.21 4.31 2.68
CA LYS A 74 27.09 3.20 2.34
C LYS A 74 28.16 3.84 1.47
N ASP A 75 29.39 3.87 1.97
CA ASP A 75 30.47 4.47 1.20
C ASP A 75 30.12 5.89 0.77
N ASN A 76 29.68 6.71 1.72
CA ASN A 76 29.33 8.13 1.49
C ASN A 76 28.17 8.34 0.54
N ARG A 77 27.25 7.37 0.48
CA ARG A 77 26.10 7.48 -0.40
C ARG A 77 24.82 7.26 0.43
N ILE A 78 23.89 8.20 0.32
CA ILE A 78 22.63 8.12 1.05
C ILE A 78 21.69 7.10 0.44
N ILE A 79 21.42 6.00 1.17
CA ILE A 79 20.51 4.98 0.67
C ILE A 79 19.32 4.79 1.63
N GLY A 80 19.15 5.74 2.54
CA GLY A 80 18.06 5.68 3.50
C GLY A 80 17.96 6.99 4.26
N THR A 81 16.75 7.41 4.62
CA THR A 81 16.59 8.67 5.36
C THR A 81 15.51 8.57 6.42
N ILE A 82 15.60 9.46 7.40
CA ILE A 82 14.61 9.55 8.46
C ILE A 82 14.82 10.88 9.19
N ALA A 83 13.73 11.60 9.40
CA ALA A 83 13.74 12.91 10.04
C ALA A 83 12.92 12.99 11.31
N LEU A 84 13.37 13.83 12.24
CA LEU A 84 12.67 14.03 13.50
C LEU A 84 12.23 15.46 13.66
N VAL A 85 11.00 15.65 14.13
CA VAL A 85 10.48 16.99 14.38
C VAL A 85 9.98 16.99 15.81
N TYR A 86 10.55 17.86 16.64
CA TYR A 86 10.17 17.92 18.05
C TYR A 86 10.31 19.31 18.70
N LYS A 87 10.89 20.27 18.00
CA LYS A 87 11.06 21.62 18.56
C LYS A 87 9.82 22.50 18.37
N ARG A 88 9.06 22.65 19.45
CA ARG A 88 7.85 23.44 19.46
C ARG A 88 6.88 23.09 18.32
N ILE A 89 6.30 21.89 18.39
CA ILE A 89 5.37 21.46 17.37
C ILE A 89 4.23 22.46 17.18
N LYS A 90 3.76 23.03 18.29
CA LYS A 90 2.66 24.00 18.25
C LYS A 90 2.87 25.13 17.24
N GLU A 91 4.13 25.40 16.88
CA GLU A 91 4.44 26.46 15.94
C GLU A 91 5.10 25.97 14.65
N LYS A 92 5.03 24.67 14.39
CA LYS A 92 5.64 24.12 13.18
C LYS A 92 4.74 24.26 11.96
N GLY A 93 3.44 24.38 12.17
CA GLY A 93 2.53 24.51 11.05
C GLY A 93 2.41 23.24 10.24
N ILE A 94 2.66 22.09 10.86
CA ILE A 94 2.56 20.83 10.16
C ILE A 94 1.09 20.61 9.85
N TRP A 95 0.78 20.63 8.55
CA TRP A 95 -0.59 20.52 8.06
C TRP A 95 -1.49 19.42 8.63
N TRP A 96 -0.94 18.25 8.93
CA TRP A 96 -1.78 17.18 9.46
C TRP A 96 -1.86 17.13 10.99
N VAL A 97 -1.01 17.90 11.67
CA VAL A 97 -0.99 17.89 13.14
C VAL A 97 -2.11 18.61 13.90
N PRO A 98 -2.98 17.84 14.58
CA PRO A 98 -4.08 18.44 15.35
C PRO A 98 -3.60 19.04 16.68
N GLU A 99 -4.49 19.80 17.31
CA GLU A 99 -4.20 20.44 18.57
C GLU A 99 -3.82 19.42 19.66
N GLU A 100 -4.39 18.22 19.59
CA GLU A 100 -4.06 17.23 20.59
C GLU A 100 -2.60 16.77 20.52
N LEU A 101 -1.94 16.98 19.38
CA LEU A 101 -0.53 16.60 19.28
C LEU A 101 0.39 17.80 19.43
N ASN A 103 1.88 19.30 21.99
CA ASN A 103 2.35 19.37 23.37
C ASN A 103 3.80 18.91 23.50
N GLU A 104 4.43 19.22 24.63
CA GLU A 104 5.82 18.92 24.90
C GLU A 104 6.26 17.46 24.79
N LYS A 105 5.35 16.51 24.97
CA LYS A 105 5.73 15.11 24.85
C LYS A 105 5.56 14.54 23.44
N VAL A 106 5.27 15.39 22.47
CA VAL A 106 5.09 14.90 21.09
C VAL A 106 6.38 14.94 20.26
N GLY A 107 6.64 13.82 19.59
CA GLY A 107 7.80 13.70 18.73
C GLY A 107 7.34 13.16 17.38
N LEU A 108 7.72 13.84 16.30
CA LEU A 108 7.31 13.44 14.96
C LEU A 108 8.42 12.78 14.15
N ILE A 109 8.07 11.67 13.49
CA ILE A 109 9.00 10.96 12.63
C ILE A 109 8.41 11.07 11.23
N GLU A 110 9.26 11.37 10.25
CA GLU A 110 8.80 11.50 8.88
C GLU A 110 10.00 11.39 7.94
N PHE A 111 9.76 11.54 6.64
CA PHE A 111 10.85 11.48 5.67
C PHE A 111 11.60 10.16 5.86
N PHE A 112 10.85 9.09 6.11
CA PHE A 112 11.39 7.74 6.33
C PHE A 112 11.31 6.94 5.05
N VAL A 113 12.45 6.70 4.42
CA VAL A 113 12.43 5.93 3.19
C VAL A 113 13.67 5.10 3.05
N VAL A 114 13.66 4.20 2.06
CA VAL A 114 14.80 3.35 1.80
C VAL A 114 14.97 3.21 0.29
N ASP A 115 16.22 3.26 -0.16
CA ASP A 115 16.52 3.12 -1.58
C ASP A 115 15.86 1.82 -2.05
N PRO A 116 15.05 1.92 -3.12
CA PRO A 116 14.34 0.75 -3.67
C PRO A 116 15.21 -0.46 -4.04
N GLU A 117 16.50 -0.25 -4.21
CA GLU A 117 17.41 -1.33 -4.55
C GLU A 117 18.09 -1.94 -3.31
N PHE A 118 17.70 -1.46 -2.13
CA PHE A 118 18.28 -1.96 -0.88
C PHE A 118 17.20 -2.39 0.12
N GLN A 119 16.07 -2.85 -0.38
CA GLN A 119 14.98 -3.28 0.48
C GLN A 119 15.25 -4.63 1.15
N GLY A 120 14.57 -4.88 2.26
CA GLY A 120 14.75 -6.13 2.98
C GLY A 120 16.18 -6.40 3.39
N LYS A 121 16.94 -5.33 3.61
CA LYS A 121 18.35 -5.43 4.01
C LYS A 121 18.56 -5.02 5.45
N GLY A 122 17.48 -4.67 6.13
CA GLY A 122 17.56 -4.26 7.52
C GLY A 122 17.81 -2.77 7.71
N ILE A 123 17.86 -2.01 6.61
CA ILE A 123 18.12 -0.57 6.71
C ILE A 123 16.95 0.18 7.35
N GLY A 124 15.73 -0.12 6.93
CA GLY A 124 14.57 0.54 7.49
C GLY A 124 14.47 0.31 8.99
N SER A 125 14.65 -0.93 9.41
CA SER A 125 14.57 -1.28 10.83
C SER A 125 15.58 -0.48 11.65
N THR A 126 16.80 -0.39 11.14
CA THR A 126 17.89 0.33 11.81
C THR A 126 17.58 1.81 11.94
N LEU A 127 17.09 2.39 10.86
CA LEU A 127 16.74 3.79 10.88
C LEU A 127 15.61 4.04 11.89
N LEU A 128 14.48 3.36 11.71
CA LEU A 128 13.33 3.53 12.59
C LEU A 128 13.70 3.34 14.05
N GLU A 129 14.39 2.24 14.36
CA GLU A 129 14.82 1.97 15.74
C GLU A 129 15.65 3.14 16.26
N PHE A 130 16.59 3.63 15.45
CA PHE A 130 17.41 4.75 15.87
C PHE A 130 16.53 5.97 16.17
N ALA A 131 15.59 6.25 15.27
CA ALA A 131 14.69 7.39 15.40
C ALA A 131 13.80 7.32 16.63
N VAL A 132 13.23 6.14 16.87
CA VAL A 132 12.37 5.99 18.03
C VAL A 132 13.16 6.24 19.30
N LYS A 133 14.37 5.67 19.39
CA LYS A 133 15.20 5.87 20.59
C LYS A 133 15.68 7.32 20.74
N ARG A 134 16.04 7.95 19.63
CA ARG A 134 16.50 9.33 19.70
C ARG A 134 15.39 10.18 20.32
N LEU A 135 14.17 10.05 19.81
CA LEU A 135 13.05 10.81 20.35
C LEU A 135 12.87 10.51 21.83
N ARG A 136 12.87 9.23 22.19
CA ARG A 136 12.72 8.84 23.58
C ARG A 136 13.76 9.52 24.47
N SER A 137 15.01 9.50 24.04
CA SER A 137 16.07 10.12 24.83
C SER A 137 15.83 11.61 24.98
N LEU A 138 14.88 12.14 24.22
CA LEU A 138 14.55 13.57 24.27
C LEU A 138 13.27 13.76 25.08
N GLY A 139 12.79 12.67 25.67
CA GLY A 139 11.57 12.71 26.47
C GLY A 139 10.31 12.87 25.64
N LYS A 140 10.36 12.45 24.38
CA LYS A 140 9.21 12.56 23.47
C LYS A 140 8.63 11.22 23.03
N ASP A 141 7.35 11.20 22.71
CA ASP A 141 6.71 9.99 22.21
C ASP A 141 6.66 10.11 20.69
N PRO A 142 7.00 9.02 19.98
CA PRO A 142 7.01 8.95 18.51
C PRO A 142 5.62 8.89 17.85
N TYR A 143 5.39 9.76 16.87
CA TYR A 143 4.13 9.80 16.12
C TYR A 143 4.45 9.87 14.63
N VAL A 144 3.57 9.28 13.80
CA VAL A 144 3.76 9.30 12.36
C VAL A 144 2.42 9.50 11.67
N VAL A 145 2.45 9.89 10.40
CA VAL A 145 1.22 10.09 9.64
C VAL A 145 1.29 9.16 8.44
N THR A 146 0.14 8.64 8.02
CA THR A 146 0.10 7.77 6.87
C THR A 146 -1.15 8.11 6.06
N PHE A 147 -1.10 7.78 4.79
CA PHE A 147 -2.19 8.08 3.88
C PHE A 147 -2.81 6.80 3.33
N PRO A 148 -3.94 6.37 3.89
CA PRO A 148 -4.60 5.14 3.42
C PRO A 148 -4.98 5.08 1.95
N ASN A 149 -5.25 6.22 1.32
CA ASN A 149 -5.63 6.20 -0.08
C ASN A 149 -4.46 5.72 -0.96
N LEU A 150 -3.32 5.47 -0.34
CA LEU A 150 -2.16 5.00 -1.08
C LEU A 150 -2.02 3.48 -1.04
N GLU A 151 -2.98 2.83 -0.40
CA GLU A 151 -2.97 1.37 -0.33
C GLU A 151 -2.92 0.88 -1.77
N ALA A 152 -2.08 -0.10 -2.03
CA ALA A 152 -1.87 -0.64 -3.37
C ALA A 152 -3.09 -0.88 -4.25
N TYR A 153 -4.06 -1.65 -3.78
CA TYR A 153 -5.24 -1.93 -4.60
C TYR A 153 -6.08 -0.69 -4.86
N SER A 154 -6.37 0.07 -3.81
CA SER A 154 -7.17 1.25 -3.99
C SER A 154 -6.52 2.19 -5.00
N TYR A 155 -5.23 2.43 -4.83
CA TYR A 155 -4.49 3.30 -5.73
C TYR A 155 -4.62 2.82 -7.17
N TYR A 156 -4.42 1.53 -7.39
CA TYR A 156 -4.51 0.96 -8.74
C TYR A 156 -5.92 1.13 -9.31
N TYR A 157 -6.91 0.68 -8.56
CA TYR A 157 -8.30 0.76 -9.01
C TYR A 157 -8.73 2.19 -9.30
N LYS A 159 -7.12 4.89 -10.36
CA LYS A 159 -6.71 5.39 -11.67
C LYS A 159 -7.10 4.40 -12.77
N LYS A 160 -8.12 3.60 -12.50
CA LYS A 160 -8.60 2.61 -13.45
C LYS A 160 -10.10 2.76 -13.68
N GLY A 161 -10.66 3.89 -13.23
CA GLY A 161 -12.06 4.14 -13.40
C GLY A 161 -12.90 3.96 -12.16
N PHE A 162 -12.30 3.48 -11.07
CA PHE A 162 -13.06 3.28 -9.84
C PHE A 162 -13.05 4.50 -8.93
N ARG A 163 -14.13 4.69 -8.20
CA ARG A 163 -14.26 5.81 -7.26
C ARG A 163 -14.74 5.30 -5.91
N GLU A 164 -14.32 5.96 -4.85
CA GLU A 164 -14.71 5.55 -3.51
C GLU A 164 -16.18 5.88 -3.28
N ILE A 165 -16.92 4.94 -2.70
CA ILE A 165 -18.34 5.13 -2.45
C ILE A 165 -18.69 4.82 -1.00
N ARG A 167 -16.79 3.25 3.05
CA ARG A 167 -15.64 2.75 3.78
C ARG A 167 -16.02 2.16 5.13
N TYR A 168 -17.14 1.44 5.18
CA TYR A 168 -17.61 0.84 6.42
C TYR A 168 -16.69 -0.26 6.93
N LYS A 169 -16.53 -0.31 8.25
CA LYS A 169 -15.66 -1.29 8.90
C LYS A 169 -14.22 -1.07 8.46
N GLU A 170 -13.41 -2.12 8.55
CA GLU A 170 -12.00 -2.02 8.16
C GLU A 170 -11.83 -2.05 6.64
N PHE A 171 -12.91 -1.86 5.90
CA PHE A 171 -12.83 -1.91 4.44
C PHE A 171 -13.23 -0.63 3.74
N VAL A 172 -12.82 -0.52 2.48
CA VAL A 172 -13.14 0.63 1.65
C VAL A 172 -13.71 0.14 0.33
N ILE A 173 -15.03 0.21 0.17
CA ILE A 173 -15.65 -0.25 -1.07
C ILE A 173 -15.55 0.78 -2.19
N LEU A 174 -15.14 0.32 -3.38
CA LEU A 174 -15.02 1.19 -4.54
C LEU A 174 -15.94 0.71 -5.65
N LYS A 175 -16.43 1.64 -6.46
CA LYS A 175 -17.34 1.30 -7.56
C LYS A 175 -16.83 1.85 -8.88
N PHE A 176 -16.91 1.02 -9.91
CA PHE A 176 -16.47 1.42 -11.25
C PHE A 176 -17.40 2.49 -11.81
N ASN A 177 -16.81 3.44 -12.54
CA ASN A 177 -17.57 4.52 -13.17
C ASN A 177 -17.20 4.52 -14.66
N HIS A 178 -18.18 4.21 -15.50
CA HIS A 178 -17.97 4.15 -16.94
C HIS A 178 -17.52 5.47 -17.57
N LYS A 179 -18.15 6.58 -17.17
CA LYS A 179 -17.80 7.88 -17.71
C LYS A 179 -16.45 8.35 -17.19
N LYS A 180 -16.08 7.90 -16.00
CA LYS A 180 -14.81 8.25 -15.39
C LYS A 180 -13.70 7.49 -16.11
N PHE A 181 -13.97 6.22 -16.40
CA PHE A 181 -13.02 5.35 -17.08
C PHE A 181 -12.63 5.92 -18.43
N GLN A 182 -13.63 6.23 -19.25
CA GLN A 182 -13.39 6.77 -20.58
C GLN A 182 -12.75 8.16 -20.51
N LEU A 183 -12.92 8.83 -19.37
CA LEU A 183 -12.37 10.16 -19.20
C LEU A 183 -10.83 10.17 -19.28
N GLU A 184 -10.24 8.99 -19.14
CA GLU A 184 -8.78 8.84 -19.20
C GLU A 184 -8.22 9.32 -20.53
N GLU B 2 -0.60 -17.24 -25.33
CA GLU B 2 -0.93 -16.56 -24.09
C GLU B 2 -2.24 -15.82 -24.20
N GLY B 3 -2.74 -15.36 -23.05
CA GLY B 3 -3.99 -14.65 -23.05
C GLY B 3 -4.86 -15.01 -21.86
N VAL B 4 -6.09 -14.54 -21.91
CA VAL B 4 -7.05 -14.77 -20.85
C VAL B 4 -7.74 -16.11 -21.07
N LYS B 5 -7.86 -16.89 -20.00
CA LYS B 5 -8.52 -18.19 -20.08
C LYS B 5 -9.59 -18.28 -19.01
N LYS B 6 -10.75 -18.81 -19.36
CA LYS B 6 -11.82 -18.97 -18.40
C LYS B 6 -11.64 -20.37 -17.81
N ILE B 7 -11.54 -20.48 -16.49
CA ILE B 7 -11.38 -21.80 -15.88
C ILE B 7 -12.75 -22.44 -15.68
N LYS B 8 -13.02 -23.49 -16.44
CA LYS B 8 -14.31 -24.16 -16.35
C LYS B 8 -14.65 -24.59 -14.93
N ASN B 9 -13.72 -25.28 -14.26
CA ASN B 9 -13.93 -25.75 -12.87
C ASN B 9 -12.79 -25.20 -12.01
N PRO B 10 -12.94 -23.98 -11.47
CA PRO B 10 -11.93 -23.35 -10.63
C PRO B 10 -11.21 -24.26 -9.64
N SER B 11 -11.95 -25.17 -9.01
CA SER B 11 -11.33 -26.06 -8.04
C SER B 11 -10.24 -26.95 -8.64
N THR B 12 -10.06 -26.92 -9.96
CA THR B 12 -9.04 -27.78 -10.57
C THR B 12 -7.61 -27.23 -10.53
N VAL B 13 -7.47 -25.92 -10.41
CA VAL B 13 -6.16 -25.26 -10.36
C VAL B 13 -5.86 -24.75 -8.95
N LYS B 14 -6.48 -25.36 -7.94
CA LYS B 14 -6.29 -24.97 -6.56
C LYS B 14 -4.83 -24.98 -6.14
N ASP B 15 -4.13 -26.07 -6.42
CA ASP B 15 -2.72 -26.14 -6.05
C ASP B 15 -1.87 -25.06 -6.71
N GLU B 16 -2.04 -24.86 -8.01
CA GLU B 16 -1.25 -23.84 -8.70
C GLU B 16 -1.53 -22.46 -8.11
N LEU B 17 -2.81 -22.19 -7.82
CA LEU B 17 -3.21 -20.90 -7.24
C LEU B 17 -2.57 -20.73 -5.86
N LEU B 18 -2.57 -21.79 -5.06
CA LEU B 18 -1.96 -21.75 -3.74
C LEU B 18 -0.50 -21.32 -3.88
N GLU B 19 0.19 -21.94 -4.84
CA GLU B 19 1.60 -21.66 -5.11
C GLU B 19 1.81 -20.21 -5.53
N LEU B 20 0.93 -19.72 -6.39
CA LEU B 20 1.01 -18.35 -6.88
C LEU B 20 0.76 -17.37 -5.73
N PHE B 22 1.12 -17.86 -2.58
CA PHE B 22 2.19 -17.83 -1.59
C PHE B 22 3.34 -16.98 -2.10
N ARG B 23 3.58 -17.01 -3.41
CA ARG B 23 4.64 -16.19 -3.98
C ARG B 23 4.30 -14.71 -3.76
N ILE B 24 3.01 -14.37 -3.85
CA ILE B 24 2.59 -12.99 -3.63
C ILE B 24 2.79 -12.66 -2.14
N TYR B 25 2.37 -13.58 -1.27
CA TYR B 25 2.53 -13.39 0.18
C TYR B 25 3.98 -13.06 0.51
N ARG B 26 4.89 -13.86 -0.06
CA ARG B 26 6.29 -13.65 0.19
C ARG B 26 6.81 -12.36 -0.46
N SER B 27 6.37 -12.07 -1.68
CA SER B 27 6.81 -10.86 -2.37
C SER B 27 6.34 -9.54 -1.75
N THR B 28 5.19 -9.59 -1.08
CA THR B 28 4.62 -8.40 -0.45
C THR B 28 4.85 -8.43 1.05
N ASN B 29 5.80 -9.25 1.47
CA ASN B 29 6.13 -9.40 2.87
C ASN B 29 4.92 -9.60 3.79
N GLY B 30 4.01 -10.47 3.36
CA GLY B 30 2.83 -10.77 4.17
C GLY B 30 1.64 -9.87 3.97
N LYS B 31 1.78 -8.89 3.09
CA LYS B 31 0.70 -7.95 2.83
C LYS B 31 -0.45 -8.57 2.07
N TYR B 32 -0.14 -9.28 0.99
CA TYR B 32 -1.18 -9.89 0.16
C TYR B 32 -0.87 -11.37 -0.08
N PRO B 33 -1.91 -12.22 -0.18
CA PRO B 33 -3.32 -11.85 -0.06
C PRO B 33 -3.68 -11.47 1.38
N ALA B 34 -4.76 -10.71 1.52
CA ALA B 34 -5.21 -10.29 2.84
C ALA B 34 -5.64 -11.50 3.65
N LEU B 35 -5.28 -11.50 4.93
CA LEU B 35 -5.66 -12.58 5.82
C LEU B 35 -6.31 -11.97 7.07
N GLU B 36 -7.39 -11.22 6.83
CA GLU B 36 -8.15 -10.54 7.89
C GLU B 36 -8.49 -11.41 9.08
N TRP B 37 -9.32 -12.44 8.86
CA TRP B 37 -9.73 -13.32 9.94
C TRP B 37 -8.53 -13.82 10.76
N VAL B 38 -7.36 -13.83 10.15
CA VAL B 38 -6.17 -14.33 10.84
C VAL B 38 -5.62 -13.38 11.90
N LYS B 39 -5.62 -13.84 13.14
CA LYS B 39 -5.13 -13.07 14.28
C LYS B 39 -3.62 -13.06 14.28
N ARG B 40 -3.03 -14.21 14.00
CA ARG B 40 -1.58 -14.36 13.96
C ARG B 40 -1.16 -14.83 12.57
N LYS B 41 -0.85 -13.88 11.68
CA LYS B 41 -0.46 -14.22 10.33
C LYS B 41 0.89 -14.94 10.29
N PRO B 42 1.01 -15.95 9.42
CA PRO B 42 2.27 -16.69 9.31
C PRO B 42 3.36 -15.84 8.71
N ASN B 43 4.61 -16.18 9.01
CA ASN B 43 5.76 -15.47 8.50
C ASN B 43 5.70 -15.52 6.97
N PRO B 44 5.95 -14.38 6.30
CA PRO B 44 5.92 -14.34 4.83
C PRO B 44 6.73 -15.38 4.07
N ASN B 45 7.65 -16.07 4.75
CA ASN B 45 8.44 -17.09 4.07
C ASN B 45 8.14 -18.49 4.58
N ASP B 46 7.04 -18.60 5.33
CA ASP B 46 6.59 -19.87 5.90
C ASP B 46 5.45 -20.46 5.08
N PHE B 47 5.80 -21.23 4.04
CA PHE B 47 4.78 -21.83 3.18
C PHE B 47 3.78 -22.70 3.96
N ASN B 48 4.28 -23.54 4.85
CA ASN B 48 3.41 -24.42 5.63
C ASN B 48 2.38 -23.63 6.46
N GLY B 49 2.82 -22.62 7.19
CA GLY B 49 1.89 -21.83 7.99
C GLY B 49 0.90 -21.09 7.09
N PHE B 50 1.38 -20.63 5.94
CA PHE B 50 0.53 -19.91 4.99
C PHE B 50 -0.60 -20.81 4.51
N ARG B 51 -0.24 -22.00 4.03
CA ARG B 51 -1.21 -22.95 3.51
C ARG B 51 -2.26 -23.35 4.53
N GLU B 52 -1.80 -23.65 5.74
CA GLU B 52 -2.68 -24.07 6.81
C GLU B 52 -3.80 -23.06 7.02
N VAL B 53 -3.48 -21.77 6.93
CA VAL B 53 -4.52 -20.77 7.14
C VAL B 53 -5.23 -20.28 5.88
N TYR B 54 -4.52 -20.21 4.76
CA TYR B 54 -5.11 -19.72 3.52
C TYR B 54 -5.76 -20.77 2.62
N GLU B 55 -5.16 -21.96 2.52
CA GLU B 55 -5.71 -23.02 1.67
C GLU B 55 -7.19 -23.33 1.90
N PRO B 56 -7.63 -23.36 3.17
CA PRO B 56 -9.05 -23.65 3.43
C PRO B 56 -9.95 -22.56 2.82
N PHE B 57 -9.53 -21.31 2.92
CA PHE B 57 -10.31 -20.19 2.39
C PHE B 57 -10.35 -20.30 0.86
N LEU B 58 -9.19 -20.41 0.23
CA LEU B 58 -9.11 -20.54 -1.22
C LEU B 58 -10.02 -21.67 -1.73
N LYS B 59 -9.94 -22.82 -1.06
CA LYS B 59 -10.75 -23.97 -1.43
C LYS B 59 -12.24 -23.64 -1.43
N PHE B 60 -12.69 -23.00 -0.35
CA PHE B 60 -14.09 -22.61 -0.23
C PHE B 60 -14.47 -21.58 -1.31
N ARG B 61 -13.61 -20.59 -1.54
CA ARG B 61 -13.90 -19.57 -2.52
C ARG B 61 -13.99 -20.11 -3.96
N LEU B 62 -13.09 -21.01 -4.32
CA LEU B 62 -13.09 -21.58 -5.65
C LEU B 62 -14.35 -22.36 -5.94
N SER B 63 -14.89 -23.02 -4.91
CA SER B 63 -16.10 -23.84 -5.09
C SER B 63 -17.43 -23.20 -4.77
N GLN B 64 -17.42 -22.23 -3.86
CA GLN B 64 -18.67 -21.62 -3.43
C GLN B 64 -18.81 -20.10 -3.53
N GLU B 65 -17.71 -19.37 -3.68
CA GLU B 65 -17.83 -17.92 -3.74
C GLU B 65 -17.73 -17.35 -5.15
N PHE B 66 -16.70 -17.78 -5.90
CA PHE B 66 -16.50 -17.30 -7.27
C PHE B 66 -17.52 -17.94 -8.20
N ASP B 67 -18.13 -17.12 -9.05
CA ASP B 67 -19.09 -17.64 -10.02
C ASP B 67 -18.33 -17.84 -11.31
N GLU B 68 -17.31 -17.02 -11.50
CA GLU B 68 -16.46 -17.09 -12.67
C GLU B 68 -15.00 -16.77 -12.27
N LEU B 69 -14.08 -17.58 -12.78
CA LEU B 69 -12.66 -17.39 -12.51
C LEU B 69 -11.90 -17.29 -13.84
N TYR B 70 -11.15 -16.21 -14.00
CA TYR B 70 -10.36 -16.00 -15.20
C TYR B 70 -8.90 -15.89 -14.83
N THR B 71 -8.02 -16.35 -15.71
CA THR B 71 -6.59 -16.22 -15.46
C THR B 71 -5.97 -15.69 -16.74
N TYR B 72 -4.71 -15.27 -16.64
CA TYR B 72 -3.95 -14.82 -17.78
C TYR B 72 -2.82 -15.85 -17.73
N GLN B 73 -2.60 -16.56 -18.83
CA GLN B 73 -1.59 -17.59 -18.85
C GLN B 73 -0.64 -17.49 -20.02
N LYS B 74 0.54 -18.08 -19.83
CA LYS B 74 1.54 -18.17 -20.88
C LYS B 74 1.57 -19.69 -20.92
N ASP B 75 0.86 -20.24 -21.90
CA ASP B 75 0.70 -21.67 -22.03
C ASP B 75 -0.04 -22.15 -20.78
N ASN B 76 0.49 -23.14 -20.07
CA ASN B 76 -0.20 -23.64 -18.89
C ASN B 76 0.12 -22.92 -17.57
N ARG B 77 1.06 -21.99 -17.62
CA ARG B 77 1.46 -21.25 -16.42
C ARG B 77 0.54 -20.07 -16.09
N ILE B 78 0.00 -20.06 -14.88
CA ILE B 78 -0.89 -18.97 -14.47
C ILE B 78 -0.05 -17.81 -13.93
N ILE B 79 -0.19 -16.64 -14.54
CA ILE B 79 0.58 -15.48 -14.08
C ILE B 79 -0.32 -14.31 -13.72
N GLY B 80 -1.62 -14.53 -13.76
CA GLY B 80 -2.58 -13.49 -13.42
C GLY B 80 -3.93 -14.10 -13.12
N THR B 81 -4.67 -13.51 -12.20
CA THR B 81 -5.98 -14.05 -11.85
C THR B 81 -6.97 -12.97 -11.52
N ILE B 82 -8.25 -13.28 -11.71
CA ILE B 82 -9.32 -12.35 -11.39
C ILE B 82 -10.61 -13.16 -11.36
N ALA B 83 -11.45 -12.90 -10.35
CA ALA B 83 -12.69 -13.64 -10.18
C ALA B 83 -13.92 -12.74 -10.09
N LEU B 84 -15.07 -13.29 -10.47
CA LEU B 84 -16.34 -12.57 -10.45
C LEU B 84 -17.34 -13.20 -9.52
N VAL B 85 -18.07 -12.37 -8.78
CA VAL B 85 -19.10 -12.86 -7.89
C VAL B 85 -20.33 -12.01 -8.18
N TYR B 86 -21.38 -12.62 -8.73
CA TYR B 86 -22.59 -11.88 -9.04
C TYR B 86 -23.85 -12.70 -8.91
N LYS B 87 -23.72 -13.96 -8.50
CA LYS B 87 -24.90 -14.80 -8.34
C LYS B 87 -25.19 -15.02 -6.87
N ARG B 88 -26.44 -14.74 -6.49
CA ARG B 88 -26.91 -14.89 -5.12
C ARG B 88 -25.85 -14.49 -4.10
N ILE B 89 -25.38 -13.24 -4.17
CA ILE B 89 -24.34 -12.78 -3.26
C ILE B 89 -24.78 -12.69 -1.81
N LYS B 90 -26.08 -12.68 -1.58
CA LYS B 90 -26.59 -12.60 -0.22
C LYS B 90 -26.51 -13.94 0.50
N GLU B 91 -25.97 -14.96 -0.17
CA GLU B 91 -25.87 -16.28 0.42
C GLU B 91 -24.52 -16.93 0.16
N LYS B 92 -23.45 -16.16 0.30
CA LYS B 92 -22.11 -16.71 0.09
C LYS B 92 -21.24 -16.52 1.32
N GLY B 93 -21.84 -16.03 2.40
CA GLY B 93 -21.10 -15.81 3.63
C GLY B 93 -20.17 -14.62 3.56
N ILE B 94 -20.37 -13.77 2.57
CA ILE B 94 -19.54 -12.57 2.42
C ILE B 94 -19.79 -11.62 3.57
N TRP B 95 -18.74 -11.31 4.32
CA TRP B 95 -18.85 -10.39 5.46
C TRP B 95 -18.24 -9.02 5.23
N TRP B 96 -17.42 -8.91 4.19
CA TRP B 96 -16.75 -7.65 3.86
C TRP B 96 -17.57 -6.74 2.95
N VAL B 97 -18.89 -6.85 3.03
CA VAL B 97 -19.78 -6.04 2.21
C VAL B 97 -21.04 -5.72 2.98
N PRO B 98 -21.55 -4.48 2.83
CA PRO B 98 -22.76 -4.05 3.53
C PRO B 98 -24.03 -4.69 2.96
N GLU B 99 -25.05 -4.81 3.80
CA GLU B 99 -26.31 -5.42 3.42
C GLU B 99 -27.02 -4.56 2.37
N GLU B 100 -26.79 -3.25 2.43
CA GLU B 100 -27.42 -2.32 1.49
C GLU B 100 -26.86 -2.44 0.09
N LEU B 101 -25.72 -3.11 -0.03
CA LEU B 101 -25.08 -3.27 -1.32
C LEU B 101 -25.05 -4.72 -1.78
N ASN B 103 -27.61 -6.29 -3.64
CA ASN B 103 -28.75 -6.43 -4.53
C ASN B 103 -28.36 -7.15 -5.82
N GLU B 104 -29.35 -7.38 -6.68
CA GLU B 104 -29.15 -8.06 -7.95
C GLU B 104 -28.36 -7.22 -8.95
N LYS B 105 -28.21 -5.92 -8.68
CA LYS B 105 -27.48 -5.05 -9.62
C LYS B 105 -26.00 -4.99 -9.29
N VAL B 106 -25.61 -5.65 -8.19
CA VAL B 106 -24.21 -5.63 -7.77
C VAL B 106 -23.35 -6.79 -8.28
N GLY B 107 -22.17 -6.44 -8.77
CA GLY B 107 -21.22 -7.42 -9.27
C GLY B 107 -19.91 -7.22 -8.51
N LEU B 108 -19.32 -8.30 -8.02
CA LEU B 108 -18.08 -8.18 -7.27
C LEU B 108 -16.86 -8.70 -8.01
N ILE B 109 -15.77 -7.96 -7.90
CA ILE B 109 -14.50 -8.35 -8.52
C ILE B 109 -13.55 -8.63 -7.36
N GLU B 110 -12.95 -9.81 -7.35
CA GLU B 110 -12.02 -10.20 -6.29
C GLU B 110 -10.92 -11.07 -6.88
N PHE B 111 -10.04 -11.57 -6.00
CA PHE B 111 -8.97 -12.46 -6.40
C PHE B 111 -8.17 -11.90 -7.59
N PHE B 112 -7.98 -10.58 -7.62
CA PHE B 112 -7.25 -9.92 -8.69
C PHE B 112 -5.77 -9.79 -8.35
N VAL B 113 -4.93 -10.54 -9.04
CA VAL B 113 -3.51 -10.47 -8.79
C VAL B 113 -2.71 -10.75 -10.04
N VAL B 114 -1.45 -10.34 -9.99
CA VAL B 114 -0.54 -10.56 -11.09
C VAL B 114 0.79 -11.02 -10.49
N ASP B 115 1.37 -12.05 -11.09
CA ASP B 115 2.67 -12.60 -10.65
C ASP B 115 3.67 -11.44 -10.56
N PRO B 116 4.39 -11.33 -9.43
CA PRO B 116 5.38 -10.26 -9.23
C PRO B 116 6.41 -10.13 -10.35
N GLU B 117 6.61 -11.21 -11.10
CA GLU B 117 7.57 -11.22 -12.21
C GLU B 117 7.03 -10.55 -13.47
N PHE B 118 5.73 -10.31 -13.55
CA PHE B 118 5.15 -9.72 -14.74
C PHE B 118 4.46 -8.37 -14.56
N GLN B 119 5.05 -7.50 -13.74
CA GLN B 119 4.49 -6.18 -13.48
C GLN B 119 4.71 -5.18 -14.59
N GLY B 120 3.74 -4.28 -14.77
CA GLY B 120 3.84 -3.24 -15.79
C GLY B 120 3.93 -3.77 -17.21
N LYS B 121 3.26 -4.90 -17.46
CA LYS B 121 3.27 -5.50 -18.78
C LYS B 121 1.89 -5.52 -19.40
N GLY B 122 0.94 -4.86 -18.73
CA GLY B 122 -0.41 -4.81 -19.25
C GLY B 122 -1.30 -5.96 -18.81
N ILE B 123 -0.74 -6.93 -18.10
CA ILE B 123 -1.54 -8.07 -17.66
C ILE B 123 -2.69 -7.63 -16.77
N GLY B 124 -2.39 -6.85 -15.74
CA GLY B 124 -3.42 -6.37 -14.83
C GLY B 124 -4.57 -5.65 -15.53
N SER B 125 -4.24 -4.72 -16.40
CA SER B 125 -5.24 -3.95 -17.15
C SER B 125 -6.16 -4.85 -17.96
N THR B 126 -5.55 -5.78 -18.68
CA THR B 126 -6.30 -6.72 -19.52
C THR B 126 -7.34 -7.48 -18.71
N LEU B 127 -6.93 -8.04 -17.58
CA LEU B 127 -7.82 -8.81 -16.72
C LEU B 127 -8.95 -7.97 -16.14
N LEU B 128 -8.60 -6.81 -15.58
CA LEU B 128 -9.58 -5.91 -14.98
C LEU B 128 -10.58 -5.42 -16.01
N GLU B 129 -10.06 -4.98 -17.14
CA GLU B 129 -10.90 -4.49 -18.22
C GLU B 129 -11.81 -5.64 -18.68
N PHE B 130 -11.28 -6.84 -18.77
CA PHE B 130 -12.10 -7.96 -19.19
C PHE B 130 -13.23 -8.14 -18.16
N ALA B 131 -12.85 -8.27 -16.89
CA ALA B 131 -13.79 -8.45 -15.79
C ALA B 131 -14.88 -7.38 -15.78
N VAL B 132 -14.46 -6.12 -15.86
CA VAL B 132 -15.42 -5.02 -15.85
C VAL B 132 -16.43 -5.15 -16.98
N LYS B 133 -15.95 -5.48 -18.17
CA LYS B 133 -16.80 -5.61 -19.35
C LYS B 133 -17.80 -6.76 -19.18
N ARG B 134 -17.29 -7.92 -18.79
CA ARG B 134 -18.13 -9.09 -18.58
C ARG B 134 -19.23 -8.75 -17.58
N LEU B 135 -18.86 -8.12 -16.46
CA LEU B 135 -19.85 -7.77 -15.45
C LEU B 135 -20.93 -6.84 -16.00
N ARG B 136 -20.51 -5.77 -16.68
CA ARG B 136 -21.48 -4.82 -17.27
C ARG B 136 -22.45 -5.55 -18.22
N SER B 137 -21.92 -6.53 -18.96
CA SER B 137 -22.75 -7.28 -19.89
C SER B 137 -23.88 -7.99 -19.16
N LEU B 138 -23.54 -8.67 -18.07
CA LEU B 138 -24.51 -9.39 -17.26
C LEU B 138 -25.43 -8.41 -16.52
N GLY B 139 -25.27 -7.12 -16.80
CA GLY B 139 -26.10 -6.13 -16.15
C GLY B 139 -25.76 -5.95 -14.69
N LYS B 140 -24.48 -6.03 -14.36
CA LYS B 140 -24.05 -5.87 -12.97
C LYS B 140 -23.09 -4.70 -12.86
N ASP B 141 -23.21 -3.94 -11.77
CA ASP B 141 -22.32 -2.80 -11.53
C ASP B 141 -21.13 -3.35 -10.76
N PRO B 142 -19.92 -3.28 -11.35
CA PRO B 142 -18.72 -3.79 -10.68
C PRO B 142 -18.27 -3.02 -9.44
N TYR B 143 -17.98 -3.76 -8.38
CA TYR B 143 -17.50 -3.21 -7.11
C TYR B 143 -16.30 -4.02 -6.65
N VAL B 144 -15.41 -3.37 -5.90
CA VAL B 144 -14.23 -4.03 -5.34
C VAL B 144 -14.12 -3.61 -3.87
N VAL B 145 -13.49 -4.46 -3.08
CA VAL B 145 -13.30 -4.17 -1.67
C VAL B 145 -11.80 -4.11 -1.38
N THR B 146 -11.37 -3.02 -0.74
CA THR B 146 -9.96 -2.85 -0.43
C THR B 146 -9.76 -2.73 1.09
N PHE B 147 -8.53 -2.91 1.54
CA PHE B 147 -8.21 -2.85 2.97
C PHE B 147 -7.17 -1.74 3.22
N PRO B 148 -7.63 -0.54 3.63
CA PRO B 148 -6.72 0.60 3.90
C PRO B 148 -5.53 0.35 4.82
N ASN B 149 -5.69 -0.56 5.78
CA ASN B 149 -4.61 -0.89 6.70
C ASN B 149 -3.40 -1.53 6.03
N LEU B 150 -3.58 -2.01 4.80
CA LEU B 150 -2.49 -2.63 4.06
C LEU B 150 -1.62 -1.61 3.33
N GLU B 151 -1.90 -0.32 3.53
CA GLU B 151 -1.10 0.73 2.92
C GLU B 151 0.34 0.53 3.41
N ALA B 152 1.29 0.55 2.48
CA ALA B 152 2.71 0.31 2.77
C ALA B 152 3.27 0.84 4.09
N TYR B 153 3.11 2.15 4.34
CA TYR B 153 3.62 2.71 5.57
C TYR B 153 2.90 2.22 6.82
N SER B 154 1.58 2.30 6.80
CA SER B 154 0.77 1.84 7.93
C SER B 154 1.15 0.41 8.30
N TYR B 155 1.10 -0.49 7.32
CA TYR B 155 1.42 -1.90 7.53
C TYR B 155 2.80 -2.05 8.18
N TYR B 156 3.79 -1.36 7.64
CA TYR B 156 5.13 -1.43 8.17
C TYR B 156 5.20 -0.89 9.59
N TYR B 157 4.64 0.30 9.82
CA TYR B 157 4.67 0.88 11.16
C TYR B 157 3.92 0.05 12.19
N LYS B 159 3.57 -3.00 12.28
CA LYS B 159 4.39 -4.18 12.56
C LYS B 159 5.53 -3.79 13.51
N LYS B 160 5.81 -2.49 13.59
CA LYS B 160 6.88 -1.98 14.43
C LYS B 160 6.44 -1.30 15.73
N GLY B 161 5.29 -1.69 16.26
CA GLY B 161 4.83 -1.13 17.51
C GLY B 161 3.97 0.12 17.42
N PHE B 162 3.60 0.52 16.21
CA PHE B 162 2.77 1.70 16.08
C PHE B 162 1.30 1.33 16.06
N ARG B 163 0.49 2.15 16.72
CA ARG B 163 -0.94 1.91 16.81
C ARG B 163 -1.68 3.18 16.40
N GLU B 164 -2.86 3.01 15.81
CA GLU B 164 -3.67 4.15 15.37
C GLU B 164 -4.26 4.91 16.56
N ILE B 165 -4.25 6.24 16.49
CA ILE B 165 -4.82 7.07 17.55
C ILE B 165 -5.85 8.05 17.01
N ARG B 167 -7.94 9.33 13.26
CA ARG B 167 -8.24 9.06 11.87
C ARG B 167 -8.92 10.25 11.21
N TYR B 168 -8.50 10.55 9.99
CA TYR B 168 -9.05 11.64 9.20
C TYR B 168 -9.35 11.12 7.80
N LYS B 169 -10.12 11.88 7.04
CA LYS B 169 -10.49 11.44 5.70
C LYS B 169 -9.29 11.24 4.77
N GLU B 170 -8.28 12.09 4.88
CA GLU B 170 -7.11 11.97 4.01
C GLU B 170 -5.86 11.39 4.69
N PHE B 171 -5.92 11.13 5.99
CA PHE B 171 -4.75 10.57 6.66
C PHE B 171 -5.09 9.93 7.99
N VAL B 172 -4.16 9.13 8.53
CA VAL B 172 -4.39 8.52 9.82
C VAL B 172 -3.11 8.65 10.65
N ILE B 173 -3.26 9.14 11.87
CA ILE B 173 -2.09 9.34 12.73
C ILE B 173 -1.79 8.09 13.57
N LEU B 174 -0.53 7.71 13.65
CA LEU B 174 -0.15 6.55 14.46
C LEU B 174 0.85 6.93 15.55
N LYS B 175 0.67 6.32 16.71
CA LYS B 175 1.54 6.59 17.86
C LYS B 175 2.29 5.34 18.28
N PHE B 176 3.57 5.48 18.59
CA PHE B 176 4.37 4.34 19.01
C PHE B 176 4.06 3.98 20.47
N ASN B 177 3.75 2.73 20.72
CA ASN B 177 3.45 2.29 22.09
C ASN B 177 4.57 1.37 22.58
N HIS B 178 5.54 1.94 23.29
CA HIS B 178 6.65 1.15 23.80
C HIS B 178 6.17 0.03 24.70
N LYS B 179 5.28 0.36 25.62
CA LYS B 179 4.73 -0.62 26.56
C LYS B 179 4.13 -1.82 25.83
N LYS B 180 3.74 -1.62 24.57
CA LYS B 180 3.15 -2.69 23.77
C LYS B 180 4.22 -3.33 22.90
N PHE B 181 5.15 -2.53 22.41
CA PHE B 181 6.22 -3.03 21.55
C PHE B 181 7.16 -3.95 22.32
#